data_4L5R
#
_entry.id   4L5R
#
_cell.length_a   46.347
_cell.length_b   86.424
_cell.length_c   51.412
_cell.angle_alpha   90.00
_cell.angle_beta   113.34
_cell.angle_gamma   90.00
#
_symmetry.space_group_name_H-M   'P 1 21 1'
#
loop_
_entity.id
_entity.type
_entity.pdbx_description
1 polymer 'Interferon-activable protein 202'
2 polymer '20-mer DNA'
3 non-polymer 'SODIUM ION'
4 water water
#
loop_
_entity_poly.entity_id
_entity_poly.type
_entity_poly.pdbx_seq_one_letter_code
_entity_poly.pdbx_strand_id
1 'polypeptide(L)'
;TPKKNISKGAVLHEKPMTVMVLTATEPFNYKEGKENMFHATVATESKYYRVKVFNMDLKEKFTENQFITISKYFNSSGIL
EINETATVSEAAPNQMFEVPKNIIRSAKETLKISKIKELDSGTLIYGVFAVEKKKVNDKSITFKIKDNEDNIKVVWDKEQ
HNINYEKGDKLQLFSFHLRKGNGKPILHSGNHSFIKGE
;
C
2 'polydeoxyribonucleotide' (DG)(DC)(DG)(DA)(DT)(DG)(DG)(DT)(DT)(DA)(DA)(DC)(DC)(DA)(DT)(DC)(DG)(DC)(DT)(DG) A,B
#
# COMPACT_ATOMS: atom_id res chain seq x y z
N THR A 1 9.33 -20.32 8.25
CA THR A 1 8.54 -20.96 7.21
C THR A 1 8.51 -20.11 5.94
N PRO A 2 8.43 -20.77 4.77
CA PRO A 2 8.46 -20.02 3.51
C PRO A 2 7.32 -19.00 3.38
N LYS A 3 6.19 -19.26 4.05
CA LYS A 3 5.04 -18.36 3.95
C LYS A 3 4.92 -17.39 5.13
N LYS A 4 5.96 -17.30 5.97
CA LYS A 4 5.94 -16.42 7.14
C LYS A 4 5.51 -15.01 6.77
N ASN A 5 4.52 -14.48 7.50
CA ASN A 5 4.01 -13.13 7.30
C ASN A 5 3.25 -12.87 6.00
N ILE A 6 3.17 -13.87 5.12
CA ILE A 6 2.46 -13.70 3.85
C ILE A 6 0.93 -13.80 4.05
N SER A 7 0.18 -13.05 3.25
CA SER A 7 -1.27 -13.04 3.37
C SER A 7 -1.90 -14.37 2.98
N LYS A 8 -3.08 -14.65 3.54
CA LYS A 8 -3.84 -15.86 3.22
C LYS A 8 -4.11 -15.98 1.73
N GLY A 9 -3.89 -17.17 1.18
CA GLY A 9 -4.22 -17.45 -0.20
C GLY A 9 -3.26 -16.90 -1.25
N ALA A 10 -2.15 -16.32 -0.81
CA ALA A 10 -1.22 -15.72 -1.76
C ALA A 10 -0.52 -16.78 -2.61
N VAL A 11 -0.21 -16.42 -3.84
CA VAL A 11 0.40 -17.33 -4.81
C VAL A 11 1.89 -17.07 -5.00
N LEU A 12 2.69 -18.12 -4.82
CA LEU A 12 4.12 -18.02 -5.02
C LEU A 12 4.50 -17.94 -6.50
N HIS A 13 5.33 -16.95 -6.85
CA HIS A 13 5.87 -16.84 -8.20
C HIS A 13 7.38 -17.06 -8.17
N GLU A 14 7.81 -18.19 -8.73
CA GLU A 14 9.23 -18.54 -8.71
C GLU A 14 10.01 -17.82 -9.79
N LYS A 15 9.35 -17.54 -10.91
CA LYS A 15 10.05 -16.93 -12.03
C LYS A 15 10.43 -15.48 -11.74
N PRO A 16 11.65 -15.08 -12.12
CA PRO A 16 12.11 -13.71 -11.94
C PRO A 16 11.28 -12.67 -12.69
N MET A 17 11.02 -11.56 -12.03
CA MET A 17 10.41 -10.40 -12.66
C MET A 17 11.21 -9.14 -12.34
N THR A 18 11.56 -8.38 -13.37
CA THR A 18 12.27 -7.13 -13.17
C THR A 18 11.30 -5.95 -13.07
N VAL A 19 11.46 -5.15 -12.01
CA VAL A 19 10.61 -3.96 -11.82
C VAL A 19 11.45 -2.71 -11.56
N MET A 20 10.85 -1.55 -11.79
CA MET A 20 11.50 -0.30 -11.41
C MET A 20 10.83 0.20 -10.15
N VAL A 21 11.63 0.52 -9.13
CA VAL A 21 11.05 1.04 -7.91
C VAL A 21 10.58 2.48 -8.08
N LEU A 22 9.33 2.74 -7.68
CA LEU A 22 8.78 4.09 -7.77
C LEU A 22 8.82 4.77 -6.40
N THR A 23 8.26 4.11 -5.38
CA THR A 23 8.24 4.68 -4.03
C THR A 23 8.39 3.60 -2.97
N ALA A 24 8.75 4.02 -1.75
CA ALA A 24 8.75 3.13 -0.61
C ALA A 24 8.63 3.93 0.68
N THR A 25 7.87 3.41 1.62
CA THR A 25 7.70 4.04 2.94
C THR A 25 8.84 3.67 3.85
N GLU A 26 8.93 4.33 4.99
CA GLU A 26 9.82 3.87 6.04
C GLU A 26 9.24 2.57 6.57
N PRO A 27 10.08 1.76 7.21
CA PRO A 27 9.62 0.56 7.91
C PRO A 27 8.79 0.95 9.13
N PHE A 28 7.92 0.05 9.57
CA PHE A 28 7.12 0.31 10.75
C PHE A 28 6.73 -1.03 11.33
N ASN A 29 6.51 -1.05 12.64
CA ASN A 29 6.03 -2.25 13.31
C ASN A 29 4.52 -2.46 13.13
N TYR A 30 4.11 -3.72 13.03
CA TYR A 30 2.69 -4.04 13.01
C TYR A 30 2.49 -5.34 13.81
N LYS A 31 1.27 -5.87 13.84
CA LYS A 31 0.98 -7.07 14.63
C LYS A 31 1.35 -6.89 16.11
N GLU A 32 0.89 -5.78 16.68
CA GLU A 32 1.15 -5.44 18.08
C GLU A 32 2.63 -5.48 18.45
N GLY A 33 3.46 -4.87 17.62
CA GLY A 33 4.87 -4.73 17.89
C GLY A 33 5.74 -5.93 17.57
N LYS A 34 5.16 -6.98 17.01
CA LYS A 34 5.86 -8.24 16.82
C LYS A 34 6.57 -8.38 15.46
N GLU A 35 6.16 -7.61 14.46
CA GLU A 35 6.79 -7.72 13.13
C GLU A 35 7.01 -6.34 12.53
N ASN A 36 7.83 -6.26 11.48
CA ASN A 36 7.97 -5.00 10.74
C ASN A 36 7.74 -5.18 9.24
N MET A 37 7.53 -4.06 8.54
CA MET A 37 7.30 -4.11 7.09
C MET A 37 7.43 -2.70 6.52
N PHE A 38 7.42 -2.59 5.20
CA PHE A 38 7.28 -1.30 4.58
C PHE A 38 6.46 -1.47 3.31
N HIS A 39 5.79 -0.42 2.89
CA HIS A 39 5.05 -0.41 1.63
C HIS A 39 5.90 0.10 0.50
N ALA A 40 5.61 -0.33 -0.72
CA ALA A 40 6.31 0.23 -1.85
C ALA A 40 5.41 0.12 -3.07
N THR A 41 5.77 0.87 -4.11
CA THR A 41 5.14 0.79 -5.44
C THR A 41 6.26 0.59 -6.46
N VAL A 42 6.05 -0.34 -7.38
CA VAL A 42 7.02 -0.63 -8.42
C VAL A 42 6.27 -0.73 -9.74
N ALA A 43 7.01 -0.73 -10.84
CA ALA A 43 6.39 -0.77 -12.16
C ALA A 43 7.17 -1.66 -13.11
N THR A 44 6.43 -2.37 -13.97
CA THR A 44 7.02 -3.04 -15.11
C THR A 44 6.63 -2.24 -16.33
N GLU A 45 6.94 -2.76 -17.52
CA GLU A 45 6.51 -2.08 -18.73
C GLU A 45 4.99 -2.13 -18.91
N SER A 46 4.33 -3.07 -18.24
CA SER A 46 2.91 -3.32 -18.50
C SER A 46 1.97 -2.96 -17.35
N LYS A 47 2.51 -2.76 -16.15
CA LYS A 47 1.67 -2.60 -14.98
C LYS A 47 2.43 -1.88 -13.87
N TYR A 48 1.71 -1.28 -12.93
CA TYR A 48 2.36 -0.98 -11.65
C TYR A 48 1.79 -1.90 -10.59
N TYR A 49 2.49 -2.05 -9.46
CA TYR A 49 2.04 -2.93 -8.40
C TYR A 49 2.28 -2.25 -7.08
N ARG A 50 1.38 -2.45 -6.12
CA ARG A 50 1.66 -2.16 -4.72
C ARG A 50 2.40 -3.36 -4.17
N VAL A 51 3.31 -3.10 -3.23
CA VAL A 51 4.18 -4.12 -2.72
C VAL A 51 4.21 -3.99 -1.19
N LYS A 52 4.15 -5.13 -0.51
CA LYS A 52 4.39 -5.18 0.93
C LYS A 52 5.66 -5.96 1.15
N VAL A 53 6.60 -5.35 1.86
CA VAL A 53 7.93 -5.96 2.03
C VAL A 53 8.14 -6.23 3.51
N PHE A 54 8.51 -7.46 3.84
CA PHE A 54 8.59 -7.90 5.23
C PHE A 54 10.02 -8.14 5.66
N ASN A 55 10.91 -8.13 4.68
CA ASN A 55 12.31 -8.37 4.97
C ASN A 55 13.07 -7.06 5.00
N MET A 56 13.43 -6.60 6.19
CA MET A 56 14.05 -5.28 6.34
C MET A 56 15.40 -5.14 5.62
N ASP A 57 16.05 -6.26 5.38
CA ASP A 57 17.28 -6.28 4.58
C ASP A 57 17.07 -5.71 3.18
N LEU A 58 15.82 -5.61 2.74
CA LEU A 58 15.54 -5.11 1.40
C LEU A 58 15.31 -3.62 1.34
N LYS A 59 15.22 -2.97 2.51
CA LYS A 59 14.88 -1.55 2.52
C LYS A 59 15.88 -0.77 1.68
N GLU A 60 17.17 -1.11 1.81
CA GLU A 60 18.21 -0.42 1.05
C GLU A 60 18.11 -0.65 -0.45
N LYS A 61 17.47 -1.75 -0.86
CA LYS A 61 17.32 -2.08 -2.26
C LYS A 61 16.13 -1.38 -2.92
N PHE A 62 15.16 -0.96 -2.13
CA PHE A 62 13.99 -0.31 -2.70
C PHE A 62 14.19 1.19 -2.85
N THR A 63 15.10 1.55 -3.75
CA THR A 63 15.48 2.92 -4.01
C THR A 63 14.77 3.48 -5.23
N GLU A 64 14.23 4.69 -5.09
CA GLU A 64 13.53 5.34 -6.20
C GLU A 64 14.30 5.25 -7.52
N ASN A 65 13.60 4.81 -8.56
CA ASN A 65 14.09 4.78 -9.93
C ASN A 65 15.12 3.69 -10.23
N GLN A 66 15.44 2.85 -9.25
CA GLN A 66 16.33 1.73 -9.48
C GLN A 66 15.58 0.50 -9.98
N PHE A 67 16.25 -0.31 -10.79
CA PHE A 67 15.65 -1.53 -11.30
C PHE A 67 16.14 -2.74 -10.51
N ILE A 68 15.19 -3.55 -10.07
CA ILE A 68 15.51 -4.73 -9.30
C ILE A 68 14.77 -5.94 -9.86
N THR A 69 15.35 -7.11 -9.65
CA THR A 69 14.77 -8.35 -10.17
C THR A 69 14.36 -9.22 -9.01
N ILE A 70 13.08 -9.58 -8.98
CA ILE A 70 12.52 -10.28 -7.84
C ILE A 70 12.03 -11.66 -8.24
N SER A 71 12.29 -12.64 -7.38
CA SER A 71 11.80 -13.99 -7.60
C SER A 71 11.46 -14.64 -6.27
N LYS A 72 10.60 -15.67 -6.33
CA LYS A 72 10.08 -16.33 -5.15
C LYS A 72 9.38 -15.30 -4.24
N TYR A 73 8.61 -14.44 -4.88
CA TYR A 73 7.75 -13.50 -4.19
C TYR A 73 6.33 -14.03 -4.31
N PHE A 74 5.41 -13.45 -3.56
CA PHE A 74 4.03 -13.91 -3.56
C PHE A 74 3.12 -12.84 -4.15
N ASN A 75 1.98 -13.28 -4.65
CA ASN A 75 1.02 -12.39 -5.24
C ASN A 75 -0.29 -12.59 -4.51
N SER A 76 -0.74 -11.55 -3.84
CA SER A 76 -1.96 -11.62 -3.05
C SER A 76 -3.02 -10.70 -3.64
N SER A 77 -3.90 -11.28 -4.45
CA SER A 77 -4.91 -10.52 -5.17
C SER A 77 -4.34 -9.26 -5.85
N GLY A 78 -3.17 -9.41 -6.48
CA GLY A 78 -2.57 -8.31 -7.21
C GLY A 78 -1.56 -7.48 -6.43
N ILE A 79 -1.49 -7.70 -5.12
CA ILE A 79 -0.49 -7.02 -4.31
C ILE A 79 0.70 -7.97 -4.20
N LEU A 80 1.90 -7.49 -4.47
CA LEU A 80 3.09 -8.32 -4.36
C LEU A 80 3.54 -8.32 -2.89
N GLU A 81 3.83 -9.49 -2.36
CA GLU A 81 4.31 -9.62 -0.98
C GLU A 81 5.64 -10.33 -0.99
N ILE A 82 6.60 -9.77 -0.26
CA ILE A 82 7.97 -10.24 -0.33
C ILE A 82 8.49 -10.48 1.08
N ASN A 83 8.83 -11.73 1.38
CA ASN A 83 9.48 -12.04 2.65
C ASN A 83 10.89 -12.58 2.44
N GLU A 84 11.44 -13.20 3.47
CA GLU A 84 12.81 -13.70 3.42
C GLU A 84 12.96 -14.81 2.38
N THR A 85 11.85 -15.42 1.98
CA THR A 85 11.87 -16.45 0.96
C THR A 85 12.35 -15.91 -0.39
N ALA A 86 12.07 -14.65 -0.68
CA ALA A 86 12.36 -14.08 -2.00
C ALA A 86 13.85 -13.79 -2.25
N THR A 87 14.22 -13.74 -3.52
CA THR A 87 15.52 -13.22 -3.94
C THR A 87 15.33 -11.88 -4.63
N VAL A 88 16.12 -10.90 -4.23
CA VAL A 88 16.08 -9.58 -4.87
C VAL A 88 17.49 -9.18 -5.28
N SER A 89 17.69 -8.98 -6.58
CA SER A 89 18.99 -8.60 -7.13
C SER A 89 18.88 -7.27 -7.85
N GLU A 90 20.00 -6.57 -7.98
CA GLU A 90 20.04 -5.42 -8.87
C GLU A 90 19.96 -5.92 -10.31
N ALA A 91 19.14 -5.25 -11.11
CA ALA A 91 18.86 -5.70 -12.46
C ALA A 91 20.04 -5.49 -13.40
N ALA A 92 20.23 -6.47 -14.28
CA ALA A 92 21.22 -6.37 -15.34
C ALA A 92 20.75 -5.37 -16.38
N PRO A 93 21.69 -4.62 -16.97
CA PRO A 93 21.37 -3.64 -18.01
C PRO A 93 20.44 -4.20 -19.08
N ASN A 94 20.69 -5.43 -19.54
CA ASN A 94 19.89 -6.03 -20.61
C ASN A 94 18.52 -6.51 -20.12
N GLN A 95 18.16 -6.12 -18.88
CA GLN A 95 16.87 -6.46 -18.31
C GLN A 95 16.05 -5.20 -18.04
N MET A 96 16.63 -4.04 -18.33
CA MET A 96 15.95 -2.78 -18.06
C MET A 96 15.05 -2.36 -19.20
N PHE A 97 14.15 -1.44 -18.92
CA PHE A 97 13.16 -1.03 -19.89
C PHE A 97 12.66 0.35 -19.52
N GLU A 98 11.95 0.98 -20.44
CA GLU A 98 11.34 2.27 -20.17
C GLU A 98 9.93 2.03 -19.67
N VAL A 99 9.58 2.63 -18.53
CA VAL A 99 8.22 2.54 -18.01
C VAL A 99 7.41 3.63 -18.66
N PRO A 100 6.33 3.25 -19.37
CA PRO A 100 5.50 4.24 -20.07
C PRO A 100 4.98 5.30 -19.12
N LYS A 101 4.82 6.53 -19.62
CA LYS A 101 4.38 7.65 -18.80
C LYS A 101 3.02 7.40 -18.16
N ASN A 102 2.16 6.68 -18.86
CA ASN A 102 0.81 6.42 -18.37
C ASN A 102 0.79 5.47 -17.17
N ILE A 103 1.78 4.57 -17.11
CA ILE A 103 1.94 3.68 -15.97
C ILE A 103 2.41 4.47 -14.76
N ILE A 104 3.39 5.34 -14.97
CA ILE A 104 3.88 6.17 -13.88
C ILE A 104 2.73 7.04 -13.36
N ARG A 105 1.92 7.53 -14.28
CA ARG A 105 0.80 8.39 -13.93
C ARG A 105 -0.21 7.61 -13.11
N SER A 106 -0.64 6.47 -13.63
CA SER A 106 -1.60 5.64 -12.89
C SER A 106 -1.14 5.34 -11.49
N ALA A 107 0.12 4.94 -11.34
CA ALA A 107 0.64 4.53 -10.05
C ALA A 107 0.57 5.66 -9.01
N LYS A 108 0.49 6.90 -9.48
CA LYS A 108 0.52 8.05 -8.60
C LYS A 108 -0.85 8.65 -8.36
N GLU A 109 -1.84 8.22 -9.16
CA GLU A 109 -3.15 8.81 -9.07
C GLU A 109 -4.00 8.18 -7.96
N THR A 110 -4.96 8.94 -7.45
CA THR A 110 -5.89 8.39 -6.49
C THR A 110 -7.26 8.29 -7.12
N LEU A 111 -7.90 7.14 -6.96
CA LEU A 111 -9.26 6.93 -7.45
C LEU A 111 -10.24 7.87 -6.78
N LYS A 112 -11.25 8.30 -7.54
CA LYS A 112 -12.37 9.05 -6.99
C LYS A 112 -13.07 8.24 -5.90
N ILE A 113 -13.47 8.92 -4.84
CA ILE A 113 -14.17 8.27 -3.75
C ILE A 113 -15.45 7.61 -4.21
N SER A 114 -16.19 8.26 -5.11
CA SER A 114 -17.41 7.64 -5.60
C SER A 114 -17.07 6.32 -6.30
N LYS A 115 -15.92 6.25 -6.99
CA LYS A 115 -15.52 5.01 -7.65
C LYS A 115 -15.02 3.97 -6.65
N ILE A 116 -14.34 4.44 -5.61
CA ILE A 116 -13.90 3.52 -4.56
C ILE A 116 -15.09 2.75 -3.99
N LYS A 117 -16.20 3.46 -3.76
CA LYS A 117 -17.39 2.89 -3.13
C LYS A 117 -18.03 1.76 -3.93
N GLU A 118 -17.73 1.69 -5.22
CA GLU A 118 -18.31 0.68 -6.08
C GLU A 118 -17.53 -0.63 -6.09
N LEU A 119 -16.33 -0.62 -5.51
CA LEU A 119 -15.49 -1.82 -5.48
C LEU A 119 -16.06 -2.86 -4.50
N ASP A 120 -15.56 -4.09 -4.59
CA ASP A 120 -16.01 -5.18 -3.72
C ASP A 120 -15.51 -4.95 -2.29
N SER A 121 -16.32 -5.36 -1.31
CA SER A 121 -15.87 -5.34 0.08
C SER A 121 -14.57 -6.11 0.17
N GLY A 122 -13.66 -5.63 1.01
CA GLY A 122 -12.40 -6.33 1.22
C GLY A 122 -11.31 -5.81 0.32
N THR A 123 -11.68 -5.00 -0.67
CA THR A 123 -10.69 -4.43 -1.59
C THR A 123 -9.72 -3.52 -0.84
N LEU A 124 -8.43 -3.67 -1.11
CA LEU A 124 -7.43 -2.82 -0.48
C LEU A 124 -7.32 -1.49 -1.19
N ILE A 125 -7.36 -0.42 -0.41
CA ILE A 125 -7.40 0.92 -0.95
C ILE A 125 -6.16 1.71 -0.58
N TYR A 126 -5.61 2.40 -1.56
CA TYR A 126 -4.44 3.24 -1.35
C TYR A 126 -4.76 4.57 -1.98
N GLY A 127 -4.25 5.65 -1.41
CA GLY A 127 -4.43 6.96 -2.03
C GLY A 127 -4.14 8.14 -1.14
N VAL A 128 -4.22 9.33 -1.73
CA VAL A 128 -3.99 10.59 -1.02
C VAL A 128 -5.30 11.38 -1.08
N PHE A 129 -5.80 11.80 0.06
CA PHE A 129 -7.12 12.46 0.12
C PHE A 129 -7.11 13.68 1.02
N ALA A 130 -7.91 14.67 0.65
CA ALA A 130 -8.11 15.84 1.51
C ALA A 130 -8.85 15.40 2.78
N VAL A 131 -8.56 16.08 3.89
CA VAL A 131 -9.16 15.74 5.18
C VAL A 131 -10.19 16.80 5.57
N GLU A 132 -11.42 16.38 5.82
CA GLU A 132 -12.46 17.31 6.26
C GLU A 132 -12.51 17.34 7.77
N LYS A 133 -12.44 16.17 8.38
CA LYS A 133 -12.52 16.04 9.84
C LYS A 133 -11.58 14.97 10.35
N LYS A 134 -11.08 15.17 11.57
CA LYS A 134 -10.27 14.15 12.21
C LYS A 134 -10.70 14.07 13.66
N LYS A 135 -10.83 12.86 14.18
CA LYS A 135 -11.19 12.70 15.59
C LYS A 135 -10.34 11.64 16.23
N VAL A 136 -9.64 12.01 17.30
CA VAL A 136 -8.86 11.03 18.04
C VAL A 136 -9.71 10.49 19.17
N ASN A 137 -9.90 9.17 19.17
CA ASN A 137 -10.68 8.52 20.24
C ASN A 137 -9.77 7.67 21.11
N ASP A 138 -10.35 7.13 22.19
CA ASP A 138 -9.63 6.17 23.03
C ASP A 138 -9.06 5.00 22.24
N LYS A 139 -9.89 4.38 21.41
CA LYS A 139 -9.51 3.12 20.77
C LYS A 139 -9.34 3.23 19.25
N SER A 140 -9.56 4.42 18.71
CA SER A 140 -9.47 4.62 17.27
C SER A 140 -9.16 6.06 16.92
N ILE A 141 -8.81 6.27 15.66
CA ILE A 141 -8.75 7.60 15.10
C ILE A 141 -9.64 7.51 13.87
N THR A 142 -10.59 8.42 13.75
CA THR A 142 -11.43 8.40 12.55
C THR A 142 -11.28 9.69 11.77
N PHE A 143 -11.56 9.63 10.48
CA PHE A 143 -11.39 10.77 9.59
C PHE A 143 -12.60 10.82 8.69
N LYS A 144 -12.97 12.02 8.27
CA LYS A 144 -13.85 12.17 7.12
C LYS A 144 -12.95 12.70 6.02
N ILE A 145 -12.71 11.88 5.00
CA ILE A 145 -11.93 12.34 3.86
C ILE A 145 -12.86 12.65 2.69
N LYS A 146 -12.38 13.45 1.73
CA LYS A 146 -13.22 13.88 0.63
C LYS A 146 -12.39 14.19 -0.59
N ASP A 147 -13.04 14.19 -1.74
CA ASP A 147 -12.51 14.80 -2.94
C ASP A 147 -13.61 15.74 -3.46
N ASN A 148 -13.44 16.27 -4.66
N ASN A 148 -13.43 16.27 -4.66
CA ASN A 148 -14.41 17.20 -5.23
CA ASN A 148 -14.36 17.26 -5.19
C ASN A 148 -15.88 16.77 -5.07
C ASN A 148 -15.82 16.80 -5.27
N GLU A 149 -16.15 15.50 -5.36
N GLU A 149 -16.03 15.48 -5.33
CA GLU A 149 -17.53 15.06 -5.49
CA GLU A 149 -17.36 14.96 -5.60
C GLU A 149 -18.06 14.15 -4.39
C GLU A 149 -18.00 14.11 -4.48
N ASP A 150 -17.19 13.60 -3.55
CA ASP A 150 -17.70 12.71 -2.51
C ASP A 150 -16.83 12.66 -1.23
N ASN A 151 -17.34 12.01 -0.19
CA ASN A 151 -16.60 11.85 1.06
C ASN A 151 -16.82 10.45 1.60
N ILE A 152 -15.94 10.02 2.50
CA ILE A 152 -16.07 8.69 3.07
C ILE A 152 -15.37 8.67 4.43
N LYS A 153 -15.86 7.83 5.34
CA LYS A 153 -15.25 7.71 6.66
C LYS A 153 -14.05 6.77 6.65
N VAL A 154 -12.97 7.18 7.32
CA VAL A 154 -11.82 6.31 7.52
C VAL A 154 -11.74 5.94 8.99
N VAL A 155 -11.66 4.65 9.26
CA VAL A 155 -11.53 4.11 10.61
C VAL A 155 -10.16 3.46 10.81
N TRP A 156 -9.35 4.07 11.68
CA TRP A 156 -8.06 3.52 12.08
C TRP A 156 -8.21 2.90 13.47
N ASP A 157 -8.11 1.58 13.50
CA ASP A 157 -8.52 0.73 14.61
C ASP A 157 -7.34 0.22 15.41
N LYS A 158 -6.12 0.42 14.88
CA LYS A 158 -4.93 -0.03 15.56
C LYS A 158 -4.76 0.75 16.86
N GLU A 159 -4.48 0.04 17.94
CA GLU A 159 -4.20 0.69 19.22
C GLU A 159 -2.83 1.31 19.12
N GLN A 160 -2.78 2.51 18.56
CA GLN A 160 -1.56 3.26 18.37
C GLN A 160 -1.90 4.57 17.67
N HIS A 161 -1.44 5.68 18.23
CA HIS A 161 -1.80 6.99 17.73
C HIS A 161 -0.57 7.76 17.24
N ASN A 162 0.56 7.09 17.16
CA ASN A 162 1.78 7.74 16.71
C ASN A 162 1.83 7.90 15.19
N ILE A 163 0.87 8.67 14.67
CA ILE A 163 0.80 8.92 13.25
C ILE A 163 1.49 10.24 12.92
N ASN A 164 2.38 10.22 11.94
CA ASN A 164 2.96 11.45 11.41
C ASN A 164 1.95 12.18 10.54
N TYR A 165 1.05 12.90 11.21
CA TYR A 165 0.05 13.71 10.53
C TYR A 165 -0.13 15.03 11.27
N GLU A 166 -0.16 16.14 10.53
CA GLU A 166 -0.41 17.45 11.11
C GLU A 166 -1.65 18.11 10.48
N LYS A 167 -2.29 18.99 11.23
CA LYS A 167 -3.48 19.68 10.74
C LYS A 167 -3.18 20.33 9.39
N GLY A 168 -4.13 20.26 8.46
CA GLY A 168 -3.93 20.84 7.15
C GLY A 168 -3.38 19.86 6.13
N ASP A 169 -2.69 18.83 6.62
CA ASP A 169 -2.12 17.80 5.74
C ASP A 169 -3.20 17.06 4.95
N LYS A 170 -2.88 16.66 3.73
CA LYS A 170 -3.66 15.62 3.09
C LYS A 170 -3.28 14.30 3.74
N LEU A 171 -4.19 13.33 3.69
CA LEU A 171 -3.96 12.04 4.29
C LEU A 171 -3.57 11.01 3.24
N GLN A 172 -2.44 10.34 3.43
CA GLN A 172 -2.04 9.25 2.56
C GLN A 172 -2.36 7.90 3.21
N LEU A 173 -3.14 7.08 2.52
CA LEU A 173 -3.56 5.79 3.06
C LEU A 173 -2.86 4.68 2.29
N PHE A 174 -2.38 3.68 3.03
CA PHE A 174 -1.85 2.47 2.44
C PHE A 174 -2.62 1.26 2.96
N SER A 175 -3.13 0.45 2.03
CA SER A 175 -3.72 -0.85 2.32
C SER A 175 -4.86 -0.76 3.35
N PHE A 176 -5.80 0.12 3.10
CA PHE A 176 -7.04 0.15 3.88
C PHE A 176 -8.07 -0.78 3.24
N HIS A 177 -9.03 -1.25 4.03
CA HIS A 177 -10.01 -2.20 3.52
C HIS A 177 -11.37 -1.56 3.30
N LEU A 178 -11.90 -1.67 2.09
CA LEU A 178 -13.26 -1.18 1.84
C LEU A 178 -14.27 -2.08 2.56
N ARG A 179 -15.12 -1.46 3.40
CA ARG A 179 -16.23 -2.19 4.03
C ARG A 179 -17.56 -1.57 3.57
N LYS A 180 -18.60 -2.40 3.46
CA LYS A 180 -19.87 -1.93 2.94
C LYS A 180 -21.03 -2.45 3.77
N GLY A 181 -21.80 -3.36 3.18
CA GLY A 181 -22.96 -3.93 3.85
C GLY A 181 -24.09 -2.93 3.95
N ASN A 182 -25.12 -3.27 4.73
CA ASN A 182 -26.22 -2.36 4.98
C ASN A 182 -25.74 -1.16 5.79
N GLY A 183 -25.67 -0.01 5.15
CA GLY A 183 -25.14 1.18 5.79
C GLY A 183 -24.07 1.82 4.92
N LYS A 184 -23.42 2.86 5.42
CA LYS A 184 -22.44 3.59 4.62
C LYS A 184 -21.13 2.83 4.47
N PRO A 185 -20.60 2.80 3.23
CA PRO A 185 -19.27 2.21 3.04
C PRO A 185 -18.23 3.04 3.80
N ILE A 186 -17.14 2.40 4.22
CA ILE A 186 -16.08 3.10 4.91
C ILE A 186 -14.76 2.44 4.54
N LEU A 187 -13.67 3.08 4.89
CA LEU A 187 -12.36 2.45 4.77
C LEU A 187 -11.87 2.13 6.18
N HIS A 188 -11.52 0.88 6.41
CA HIS A 188 -11.16 0.41 7.76
C HIS A 188 -9.74 -0.15 7.74
N SER A 189 -8.99 0.09 8.80
CA SER A 189 -7.62 -0.40 8.84
C SER A 189 -7.59 -1.92 8.92
N GLY A 190 -6.47 -2.51 8.48
CA GLY A 190 -6.21 -3.93 8.61
C GLY A 190 -4.80 -4.13 9.14
N ASN A 191 -4.34 -5.37 9.23
CA ASN A 191 -3.06 -5.59 9.90
C ASN A 191 -1.91 -4.80 9.27
N HIS A 192 -1.97 -4.59 7.95
CA HIS A 192 -0.90 -3.87 7.24
C HIS A 192 -1.13 -2.38 7.01
N SER A 193 -2.25 -1.82 7.45
CA SER A 193 -2.53 -0.44 7.12
C SER A 193 -1.50 0.55 7.68
N PHE A 194 -1.28 1.61 6.92
CA PHE A 194 -0.32 2.65 7.27
C PHE A 194 -0.91 3.99 6.83
N ILE A 195 -0.83 4.97 7.71
CA ILE A 195 -1.39 6.27 7.42
C ILE A 195 -0.40 7.38 7.75
N LYS A 196 -0.27 8.35 6.84
CA LYS A 196 0.60 9.49 7.11
C LYS A 196 0.18 10.76 6.39
N GLY A 197 0.61 11.90 6.93
CA GLY A 197 0.41 13.17 6.27
C GLY A 197 1.24 13.16 5.00
N GLU A 198 0.71 13.72 3.92
CA GLU A 198 1.39 13.64 2.63
C GLU A 198 2.78 14.27 2.68
#